data_4WMX
#
_entry.id   4WMX
#
_cell.length_a   98.560
_cell.length_b   135.870
_cell.length_c   37.800
_cell.angle_alpha   90.000
_cell.angle_beta   90.000
_cell.angle_gamma   90.000
#
_symmetry.space_group_name_H-M   'P 21 21 2'
#
loop_
_entity.id
_entity.type
_entity.pdbx_description
1 polymer 'MBP-MCL1 chimera protein'
2 branched alpha-D-glucopyranose-(1-4)-alpha-D-glucopyranose
3 non-polymer '4-ethenyl-2-[(phenylsulfonyl)amino]benzoic acid'
4 non-polymer 'FORMIC ACID'
5 non-polymer 'MAGNESIUM ION'
6 water water
#
_entity_poly.entity_id   1
_entity_poly.type   'polypeptide(L)'
_entity_poly.pdbx_seq_one_letter_code
;GKIEEGKLVIWINGDKGYNGLAEVGKKFEKDTGIKVTVEHPDKLEEKFPQVAATGDGPDIIFWAHDRFGGYAQSGLLAEI
TPDKAFQDKLYPFTWDAVRYNGKLIAYPIAVEALSLIYNKDLLPNPPKTWEEIPALDKELKAKGKSALMFNLQEPYFTWP
LIAADGGYAFKYENGKYDIKDVGVDNAGAKAGLTFLVDLIKNKHMNADTDYSIAEAAFNKGETAMTINGPWAWSNIDTSK
VNYGVTVLPTFKGQPSKPFVGVLSAGINAASPNKELAKEFLENYLLTDEGLEAVNKDKPLGAVALKSYEEELAKDPRIAA
TMENAQKGEIMPNIPQMSAFWYAVRTAVINAASGRQTVDEALKDAQTGSELYRQSLEIISRYLREQATGAADTAPMGASG
ATSRKALETLRRVGDGVQRNHETAFQGMLRKLDIKNEDDVKSLSRVMIHVFSDGVTNWGRIVTLISFGAFVAKHLKTINQ
ESCIEPLAESITDVLVRTKRDWLVKQRGWDGFVEFFHV
;
_entity_poly.pdbx_strand_id   A
#
loop_
_chem_comp.id
_chem_comp.type
_chem_comp.name
_chem_comp.formula
3R7 non-polymer '4-ethenyl-2-[(phenylsulfonyl)amino]benzoic acid' 'C15 H13 N O4 S'
FMT non-polymer 'FORMIC ACID' 'C H2 O2'
GLC D-saccharide, alpha linking alpha-D-glucopyranose 'C6 H12 O6'
MG non-polymer 'MAGNESIUM ION' 'Mg 2'
#
# COMPACT_ATOMS: atom_id res chain seq x y z
N GLY A 1 22.21 18.82 2.29
CA GLY A 1 21.19 18.10 1.55
C GLY A 1 20.55 18.91 0.43
N LYS A 2 19.63 18.28 -0.30
CA LYS A 2 18.92 18.94 -1.40
C LYS A 2 17.68 19.70 -0.92
N ILE A 3 17.16 19.33 0.24
CA ILE A 3 15.95 19.96 0.77
C ILE A 3 16.33 21.27 1.46
N GLU A 4 15.60 22.35 1.17
CA GLU A 4 15.94 23.67 1.67
C GLU A 4 15.67 23.85 3.17
N GLU A 5 16.62 24.45 3.88
CA GLU A 5 16.47 24.76 5.29
C GLU A 5 15.59 25.97 5.49
N GLY A 6 14.86 25.98 6.60
CA GLY A 6 14.16 27.18 7.03
C GLY A 6 12.87 27.43 6.30
N LYS A 7 12.31 26.35 5.75
CA LYS A 7 10.99 26.40 5.16
C LYS A 7 10.38 25.01 5.18
N LEU A 8 9.08 24.93 4.93
CA LEU A 8 8.37 23.65 4.87
C LEU A 8 7.72 23.44 3.50
N VAL A 9 8.04 22.31 2.89
CA VAL A 9 7.32 21.82 1.71
C VAL A 9 6.55 20.58 2.15
N ILE A 10 5.25 20.60 1.88
CA ILE A 10 4.31 19.55 2.30
C ILE A 10 3.60 18.99 1.07
N TRP A 11 3.64 17.67 0.89
CA TRP A 11 2.89 17.04 -0.21
C TRP A 11 1.68 16.28 0.34
N ILE A 12 0.53 16.46 -0.31
CA ILE A 12 -0.68 15.73 0.05
C ILE A 12 -1.43 15.37 -1.23
N ASN A 13 -2.22 14.31 -1.23
CA ASN A 13 -2.89 13.88 -2.46
C ASN A 13 -3.98 14.85 -2.94
N GLY A 14 -4.21 14.84 -4.24
CA GLY A 14 -5.12 15.75 -4.91
C GLY A 14 -6.59 15.65 -4.57
N ASP A 15 -7.01 14.55 -3.97
CA ASP A 15 -8.40 14.40 -3.53
C ASP A 15 -8.62 14.88 -2.09
N LYS A 16 -7.57 15.35 -1.43
CA LYS A 16 -7.73 15.82 -0.06
CA LYS A 16 -7.68 15.83 -0.06
C LYS A 16 -7.85 17.34 -0.02
N GLY A 17 -8.13 17.87 1.18
CA GLY A 17 -8.31 19.31 1.34
C GLY A 17 -7.03 20.12 1.44
N TYR A 18 -6.30 20.20 0.34
CA TYR A 18 -5.01 20.89 0.36
C TYR A 18 -5.12 22.41 0.41
N ASN A 19 -6.25 22.99 0.03
CA ASN A 19 -6.41 24.43 0.20
C ASN A 19 -6.58 24.76 1.69
N GLY A 20 -7.37 23.95 2.38
CA GLY A 20 -7.54 24.07 3.82
C GLY A 20 -6.22 23.83 4.54
N LEU A 21 -5.45 22.87 4.06
CA LEU A 21 -4.14 22.61 4.65
C LEU A 21 -3.24 23.84 4.44
N ALA A 22 -3.29 24.43 3.26
CA ALA A 22 -2.52 25.65 2.99
C ALA A 22 -2.87 26.80 3.94
N GLU A 23 -4.13 26.85 4.37
CA GLU A 23 -4.54 27.88 5.35
C GLU A 23 -3.84 27.66 6.68
N VAL A 24 -3.78 26.40 7.11
CA VAL A 24 -3.03 26.05 8.30
C VAL A 24 -1.57 26.48 8.11
N GLY A 25 -1.02 26.19 6.94
CA GLY A 25 0.32 26.65 6.59
C GLY A 25 0.49 28.15 6.69
N LYS A 26 -0.53 28.89 6.26
CA LYS A 26 -0.50 30.34 6.28
C LYS A 26 -0.44 30.88 7.72
N LYS A 27 -1.22 30.27 8.62
CA LYS A 27 -1.22 30.64 10.03
C LYS A 27 0.14 30.38 10.68
N PHE A 28 0.79 29.29 10.28
CA PHE A 28 2.11 28.96 10.77
C PHE A 28 3.12 29.98 10.27
N GLU A 29 2.94 30.39 9.03
CA GLU A 29 3.79 31.39 8.40
C GLU A 29 3.65 32.72 9.12
N LYS A 30 2.41 33.09 9.42
CA LYS A 30 2.10 34.34 10.11
C LYS A 30 2.80 34.44 11.46
N ASP A 31 2.75 33.35 12.23
CA ASP A 31 3.37 33.26 13.55
C ASP A 31 4.89 33.34 13.48
N THR A 32 5.48 32.68 12.50
CA THR A 32 6.91 32.40 12.54
C THR A 32 7.74 33.06 11.43
N GLY A 33 7.09 33.61 10.41
CA GLY A 33 7.81 34.15 9.27
C GLY A 33 8.48 33.09 8.40
N ILE A 34 8.21 31.81 8.68
CA ILE A 34 8.75 30.71 7.90
C ILE A 34 7.73 30.21 6.89
N LYS A 35 8.16 30.12 5.62
CA LYS A 35 7.24 29.80 4.53
C LYS A 35 6.81 28.35 4.55
N VAL A 36 5.53 28.14 4.27
CA VAL A 36 4.97 26.82 4.10
C VAL A 36 4.40 26.72 2.70
N THR A 37 4.80 25.68 1.96
CA THR A 37 4.29 25.43 0.63
C THR A 37 3.62 24.06 0.52
N VAL A 38 2.35 24.05 0.16
CA VAL A 38 1.64 22.78 -0.02
C VAL A 38 1.51 22.47 -1.51
N GLU A 39 1.82 21.24 -1.88
CA GLU A 39 1.70 20.77 -3.26
C GLU A 39 0.86 19.50 -3.27
N HIS A 40 0.20 19.23 -4.40
CA HIS A 40 -0.50 17.95 -4.54
C HIS A 40 -0.08 17.25 -5.82
N PRO A 41 1.17 16.76 -5.85
CA PRO A 41 1.76 16.19 -7.05
C PRO A 41 0.93 15.03 -7.57
N ASP A 42 0.94 14.84 -8.89
CA ASP A 42 0.33 13.67 -9.49
C ASP A 42 1.12 12.42 -9.11
N LYS A 43 0.43 11.29 -8.95
CA LYS A 43 1.07 10.00 -8.61
C LYS A 43 1.98 10.10 -7.39
N LEU A 44 1.48 10.82 -6.40
CA LEU A 44 2.22 11.20 -5.21
C LEU A 44 2.92 10.05 -4.50
N GLU A 45 2.21 8.93 -4.38
CA GLU A 45 2.71 7.77 -3.63
C GLU A 45 3.85 7.07 -4.37
N GLU A 46 4.00 7.36 -5.66
CA GLU A 46 5.14 6.86 -6.43
C GLU A 46 6.23 7.92 -6.52
N LYS A 47 5.81 9.17 -6.61
CA LYS A 47 6.76 10.28 -6.74
C LYS A 47 7.56 10.47 -5.46
N PHE A 48 6.93 10.32 -4.30
CA PHE A 48 7.66 10.54 -3.05
C PHE A 48 8.87 9.60 -2.86
N PRO A 49 8.68 8.27 -2.98
CA PRO A 49 9.85 7.42 -2.76
C PRO A 49 10.96 7.63 -3.79
N GLN A 50 10.56 7.95 -5.02
CA GLN A 50 11.51 8.24 -6.08
C GLN A 50 12.45 9.37 -5.62
N VAL A 51 11.88 10.54 -5.36
CA VAL A 51 12.68 11.71 -5.01
C VAL A 51 13.31 11.65 -3.61
N ALA A 52 12.68 10.95 -2.67
CA ALA A 52 13.21 10.90 -1.31
C ALA A 52 14.44 10.00 -1.25
N ALA A 53 14.48 8.99 -2.11
CA ALA A 53 15.60 8.06 -2.13
C ALA A 53 16.89 8.77 -2.53
N THR A 54 16.75 9.93 -3.15
CA THR A 54 17.91 10.71 -3.57
C THR A 54 18.21 11.78 -2.53
N GLY A 55 17.46 11.75 -1.44
CA GLY A 55 17.60 12.73 -0.37
C GLY A 55 16.83 14.01 -0.67
N ASP A 56 15.89 13.96 -1.62
CA ASP A 56 15.13 15.14 -2.05
C ASP A 56 13.66 15.07 -1.65
N GLY A 57 12.86 16.01 -2.14
CA GLY A 57 11.42 15.95 -1.94
C GLY A 57 10.92 16.84 -0.82
N PRO A 58 9.71 16.54 -0.31
CA PRO A 58 9.04 17.39 0.69
C PRO A 58 9.60 17.16 2.07
N ASP A 59 9.40 18.12 2.97
CA ASP A 59 9.69 17.88 4.36
C ASP A 59 8.66 16.91 4.96
N ILE A 60 7.42 17.05 4.50
CA ILE A 60 6.29 16.36 5.10
C ILE A 60 5.46 15.71 4.00
N ILE A 61 5.26 14.41 4.12
CA ILE A 61 4.47 13.67 3.14
C ILE A 61 3.21 13.10 3.80
N PHE A 62 2.06 13.34 3.17
CA PHE A 62 0.77 12.80 3.60
C PHE A 62 0.33 11.63 2.70
N TRP A 63 -0.10 10.54 3.32
CA TRP A 63 -0.78 9.42 2.62
C TRP A 63 -1.43 8.53 3.66
N ALA A 64 -2.28 7.58 3.24
CA ALA A 64 -2.79 6.56 4.16
C ALA A 64 -1.60 5.79 4.71
N HIS A 65 -1.73 5.22 5.90
CA HIS A 65 -0.62 4.61 6.63
C HIS A 65 0.02 3.39 5.95
N ASP A 66 -0.68 2.80 4.98
CA ASP A 66 -0.23 1.51 4.41
C ASP A 66 1.10 1.64 3.65
N ARG A 67 1.35 2.80 3.07
CA ARG A 67 2.59 3.01 2.30
C ARG A 67 3.81 3.32 3.17
N PHE A 68 3.58 3.66 4.45
CA PHE A 68 4.69 4.22 5.25
C PHE A 68 5.69 3.18 5.72
N GLY A 69 5.26 1.92 5.84
CA GLY A 69 6.19 0.87 6.20
C GLY A 69 7.30 0.71 5.16
N GLY A 70 6.92 0.64 3.89
CA GLY A 70 7.89 0.58 2.82
C GLY A 70 8.81 1.78 2.81
N TYR A 71 8.24 2.97 3.05
CA TYR A 71 9.05 4.19 3.15
C TYR A 71 10.05 4.10 4.29
N ALA A 72 9.55 3.70 5.46
CA ALA A 72 10.39 3.53 6.65
C ALA A 72 11.49 2.49 6.41
N GLN A 73 11.09 1.35 5.84
CA GLN A 73 12.02 0.28 5.52
C GLN A 73 13.11 0.79 4.57
N SER A 74 12.76 1.72 3.70
CA SER A 74 13.72 2.28 2.75
C SER A 74 14.49 3.46 3.32
N GLY A 75 14.34 3.72 4.61
CA GLY A 75 15.10 4.80 5.24
C GLY A 75 14.67 6.19 4.84
N LEU A 76 13.42 6.35 4.38
CA LEU A 76 12.97 7.64 3.87
C LEU A 76 12.24 8.49 4.90
N LEU A 77 12.02 7.94 6.10
CA LEU A 77 11.23 8.64 7.11
C LEU A 77 11.96 8.75 8.45
N ALA A 78 11.84 9.93 9.07
CA ALA A 78 12.37 10.10 10.41
C ALA A 78 11.48 9.43 11.43
N GLU A 79 12.09 8.88 12.47
CA GLU A 79 11.32 8.43 13.62
C GLU A 79 10.70 9.67 14.24
N ILE A 80 9.43 9.62 14.60
CA ILE A 80 8.88 10.82 15.21
C ILE A 80 8.80 10.63 16.71
N THR A 81 8.83 11.74 17.44
CA THR A 81 8.96 11.69 18.89
C THR A 81 7.96 12.59 19.63
N PRO A 82 6.65 12.29 19.50
CA PRO A 82 5.71 13.04 20.32
C PRO A 82 5.90 12.73 21.79
N ASP A 83 5.78 13.74 22.65
CA ASP A 83 5.90 13.50 24.07
C ASP A 83 4.62 12.77 24.50
N LYS A 84 4.58 12.30 25.75
CA LYS A 84 3.46 11.51 26.25
C LYS A 84 2.13 12.25 26.20
N ALA A 85 2.15 13.53 26.61
CA ALA A 85 0.95 14.36 26.59
C ALA A 85 0.37 14.50 25.18
N PHE A 86 1.21 14.71 24.18
CA PHE A 86 0.66 14.81 22.82
C PHE A 86 0.07 13.48 22.39
N GLN A 87 0.75 12.38 22.67
CA GLN A 87 0.27 11.06 22.25
C GLN A 87 -1.11 10.76 22.83
N ASP A 88 -1.29 11.11 24.09
CA ASP A 88 -2.56 10.91 24.79
C ASP A 88 -3.71 11.67 24.14
N LYS A 89 -3.40 12.65 23.28
CA LYS A 89 -4.44 13.43 22.62
C LYS A 89 -5.05 12.68 21.43
N LEU A 90 -4.40 11.62 20.99
CA LEU A 90 -4.89 10.88 19.84
C LEU A 90 -5.23 9.45 20.24
N TYR A 91 -6.24 8.88 19.59
CA TYR A 91 -6.65 7.52 19.88
C TYR A 91 -5.48 6.55 19.70
N PRO A 92 -5.24 5.71 20.71
CA PRO A 92 -4.14 4.74 20.67
C PRO A 92 -4.12 3.90 19.39
N PHE A 93 -5.27 3.50 18.88
CA PHE A 93 -5.29 2.62 17.72
C PHE A 93 -4.81 3.35 16.46
N THR A 94 -5.00 4.67 16.39
CA THR A 94 -4.41 5.42 15.29
C THR A 94 -2.87 5.43 15.38
N TRP A 95 -2.31 5.48 16.59
CA TRP A 95 -0.84 5.39 16.72
C TRP A 95 -0.36 4.00 16.29
N ASP A 96 -1.12 2.97 16.66
CA ASP A 96 -0.82 1.61 16.22
C ASP A 96 -0.65 1.56 14.70
N ALA A 97 -1.52 2.27 13.98
CA ALA A 97 -1.47 2.34 12.53
C ALA A 97 -0.14 2.86 11.99
N VAL A 98 0.51 3.74 12.75
CA VAL A 98 1.76 4.35 12.29
C VAL A 98 2.99 3.82 13.04
N ARG A 99 2.87 2.63 13.61
CA ARG A 99 4.03 2.01 14.24
C ARG A 99 4.64 0.96 13.30
N TYR A 100 5.96 1.01 13.16
CA TYR A 100 6.68 0.08 12.29
C TYR A 100 7.99 -0.34 12.95
N ASN A 101 8.17 -1.64 13.11
CA ASN A 101 9.31 -2.17 13.88
C ASN A 101 9.43 -1.51 15.24
N GLY A 102 8.28 -1.32 15.90
CA GLY A 102 8.23 -0.76 17.23
C GLY A 102 8.50 0.72 17.34
N LYS A 103 8.64 1.40 16.19
CA LYS A 103 8.91 2.84 16.16
C LYS A 103 7.78 3.58 15.47
N LEU A 104 7.44 4.78 15.97
CA LEU A 104 6.46 5.63 15.29
C LEU A 104 7.12 6.32 14.11
N ILE A 105 6.48 6.23 12.94
CA ILE A 105 7.08 6.74 11.72
CA ILE A 105 7.08 6.75 11.71
C ILE A 105 6.20 7.79 11.02
N ALA A 106 5.11 8.18 11.69
CA ALA A 106 4.19 9.19 11.17
C ALA A 106 3.18 9.68 12.21
N TYR A 107 2.68 10.88 12.01
CA TYR A 107 1.54 11.37 12.80
C TYR A 107 0.24 10.92 12.14
N PRO A 108 -0.62 10.20 12.88
CA PRO A 108 -1.95 9.83 12.36
C PRO A 108 -2.89 11.04 12.37
N ILE A 109 -3.69 11.18 11.31
CA ILE A 109 -4.55 12.33 11.15
C ILE A 109 -6.03 11.99 11.22
N ALA A 110 -6.44 10.98 10.45
CA ALA A 110 -7.86 10.65 10.35
C ALA A 110 -8.09 9.24 9.80
N VAL A 111 -9.17 8.62 10.25
CA VAL A 111 -9.51 7.27 9.87
C VAL A 111 -10.47 7.32 8.68
N GLU A 112 -10.02 6.75 7.56
CA GLU A 112 -10.79 6.76 6.33
C GLU A 112 -11.39 5.39 6.07
N ALA A 113 -12.68 5.36 5.75
CA ALA A 113 -13.33 4.14 5.25
C ALA A 113 -14.34 4.49 4.17
N LEU A 114 -14.42 3.64 3.14
CA LEU A 114 -15.43 3.83 2.10
C LEU A 114 -16.83 3.55 2.61
N SER A 115 -17.81 4.26 2.06
CA SER A 115 -19.20 3.99 2.38
C SER A 115 -20.00 3.89 1.09
N LEU A 116 -21.24 3.42 1.19
CA LEU A 116 -22.16 3.51 0.06
C LEU A 116 -22.81 4.88 0.07
N ILE A 117 -22.62 5.65 -0.99
CA ILE A 117 -23.26 6.96 -1.13
C ILE A 117 -24.40 6.88 -2.15
N TYR A 118 -25.57 7.39 -1.78
CA TYR A 118 -26.75 7.20 -2.62
C TYR A 118 -27.58 8.46 -2.72
N ASN A 119 -28.31 8.56 -3.84
CA ASN A 119 -29.16 9.69 -4.15
C ASN A 119 -30.57 9.39 -3.62
N LYS A 120 -30.98 10.10 -2.57
CA LYS A 120 -32.27 9.86 -1.91
C LYS A 120 -33.48 10.14 -2.81
N ASP A 121 -33.28 10.92 -3.87
CA ASP A 121 -34.38 11.27 -4.76
C ASP A 121 -34.58 10.18 -5.82
N LEU A 122 -33.51 9.47 -6.14
CA LEU A 122 -33.59 8.38 -7.11
C LEU A 122 -33.84 7.06 -6.40
N LEU A 123 -33.29 6.97 -5.20
CA LEU A 123 -33.18 5.71 -4.49
C LEU A 123 -33.36 5.91 -2.98
N PRO A 124 -34.61 6.11 -2.54
CA PRO A 124 -34.93 6.35 -1.13
C PRO A 124 -34.54 5.20 -0.20
N ASN A 125 -34.51 3.98 -0.73
CA ASN A 125 -34.14 2.84 0.08
C ASN A 125 -33.03 2.05 -0.60
N PRO A 126 -31.76 2.41 -0.30
CA PRO A 126 -30.61 1.79 -0.91
C PRO A 126 -30.60 0.29 -0.64
N PRO A 127 -30.09 -0.49 -1.60
CA PRO A 127 -30.05 -1.95 -1.54
C PRO A 127 -29.19 -2.45 -0.41
N LYS A 128 -29.67 -3.44 0.33
CA LYS A 128 -28.89 -4.05 1.38
C LYS A 128 -27.84 -5.01 0.83
N THR A 129 -28.07 -5.49 -0.39
CA THR A 129 -27.17 -6.49 -0.98
C THR A 129 -26.66 -6.09 -2.35
N TRP A 130 -25.45 -6.54 -2.67
CA TRP A 130 -24.90 -6.44 -4.02
C TRP A 130 -25.80 -7.20 -5.03
N GLU A 131 -26.39 -8.30 -4.57
CA GLU A 131 -27.15 -9.18 -5.47
C GLU A 131 -28.39 -8.53 -6.10
N GLU A 132 -28.96 -7.53 -5.45
CA GLU A 132 -30.16 -6.92 -6.03
C GLU A 132 -29.83 -5.75 -6.94
N ILE A 133 -28.54 -5.44 -7.08
CA ILE A 133 -28.13 -4.31 -7.89
C ILE A 133 -28.38 -4.49 -9.40
N PRO A 134 -28.14 -5.68 -9.95
CA PRO A 134 -28.52 -5.84 -11.37
C PRO A 134 -29.99 -5.47 -11.64
N ALA A 135 -30.91 -5.97 -10.82
CA ALA A 135 -32.33 -5.73 -11.02
C ALA A 135 -32.67 -4.25 -10.82
N LEU A 136 -32.07 -3.65 -9.79
CA LEU A 136 -32.25 -2.22 -9.54
C LEU A 136 -31.76 -1.39 -10.72
N ASP A 137 -30.64 -1.80 -11.31
CA ASP A 137 -30.11 -1.07 -12.45
C ASP A 137 -31.06 -1.17 -13.63
N LYS A 138 -31.68 -2.34 -13.82
CA LYS A 138 -32.64 -2.49 -14.90
C LYS A 138 -33.85 -1.56 -14.72
N GLU A 139 -34.38 -1.47 -13.50
CA GLU A 139 -35.47 -0.52 -13.21
C GLU A 139 -35.04 0.90 -13.54
N LEU A 140 -33.90 1.31 -13.02
CA LEU A 140 -33.43 2.69 -13.17
C LEU A 140 -33.13 3.05 -14.64
N LYS A 141 -32.53 2.12 -15.38
CA LYS A 141 -32.24 2.33 -16.79
C LYS A 141 -33.51 2.65 -17.59
N ALA A 142 -34.65 2.14 -17.17
CA ALA A 142 -35.94 2.50 -17.80
C ALA A 142 -36.24 3.99 -17.66
N LYS A 143 -35.61 4.64 -16.68
CA LYS A 143 -35.78 6.07 -16.41
C LYS A 143 -34.57 6.90 -16.85
N GLY A 144 -33.66 6.28 -17.59
CA GLY A 144 -32.45 6.96 -18.00
C GLY A 144 -31.46 7.19 -16.87
N LYS A 145 -31.50 6.34 -15.86
CA LYS A 145 -30.51 6.38 -14.77
C LYS A 145 -29.79 5.05 -14.65
N SER A 146 -28.61 5.04 -14.03
CA SER A 146 -27.99 3.77 -13.65
C SER A 146 -27.95 3.62 -12.13
N ALA A 147 -27.83 2.39 -11.66
CA ALA A 147 -27.81 2.13 -10.23
C ALA A 147 -26.52 2.58 -9.57
N LEU A 148 -25.38 2.21 -10.15
CA LEU A 148 -24.11 2.36 -9.43
C LEU A 148 -22.88 2.65 -10.30
N MET A 149 -22.09 3.65 -9.90
CA MET A 149 -20.82 3.89 -10.57
C MET A 149 -19.73 4.22 -9.55
N PHE A 150 -18.60 3.53 -9.67
CA PHE A 150 -17.47 3.86 -8.82
C PHE A 150 -16.15 3.55 -9.53
N ASN A 151 -15.08 4.09 -9.00
CA ASN A 151 -13.77 4.00 -9.64
C ASN A 151 -13.33 2.56 -9.82
N LEU A 152 -13.12 2.14 -11.07
CA LEU A 152 -12.66 0.79 -11.34
C LEU A 152 -11.17 0.73 -11.67
N GLN A 153 -10.49 1.87 -11.56
CA GLN A 153 -9.06 1.92 -11.86
C GLN A 153 -8.18 1.78 -10.61
N GLU A 154 -8.78 1.89 -9.44
CA GLU A 154 -8.04 1.70 -8.18
C GLU A 154 -8.69 0.59 -7.36
N PRO A 155 -7.88 -0.41 -6.97
CA PRO A 155 -8.36 -1.62 -6.28
C PRO A 155 -9.00 -1.34 -4.92
N TYR A 156 -8.62 -0.24 -4.30
CA TYR A 156 -9.21 0.22 -3.05
C TYR A 156 -10.75 0.16 -3.04
N PHE A 157 -11.35 0.55 -4.15
CA PHE A 157 -12.81 0.68 -4.25
C PHE A 157 -13.51 -0.66 -4.46
N THR A 158 -12.79 -1.62 -5.04
CA THR A 158 -13.34 -2.94 -5.32
C THR A 158 -12.99 -3.93 -4.21
N TRP A 159 -11.95 -3.60 -3.43
CA TRP A 159 -11.57 -4.49 -2.34
C TRP A 159 -12.74 -4.88 -1.41
N PRO A 160 -13.63 -3.92 -1.05
CA PRO A 160 -14.65 -4.33 -0.08
C PRO A 160 -15.50 -5.51 -0.55
N LEU A 161 -15.69 -5.63 -1.86
CA LEU A 161 -16.44 -6.74 -2.44
C LEU A 161 -15.58 -8.00 -2.49
N ILE A 162 -14.32 -7.85 -2.89
CA ILE A 162 -13.38 -8.97 -2.92
C ILE A 162 -13.25 -9.65 -1.55
N ALA A 163 -13.24 -8.86 -0.49
CA ALA A 163 -13.02 -9.42 0.85
C ALA A 163 -14.28 -9.93 1.51
N ALA A 164 -15.44 -9.51 0.99
CA ALA A 164 -16.72 -9.83 1.61
C ALA A 164 -16.91 -11.32 1.91
N ASP A 165 -16.74 -12.16 0.89
CA ASP A 165 -16.96 -13.60 1.03
C ASP A 165 -15.66 -14.38 1.30
N GLY A 166 -14.62 -13.71 1.76
CA GLY A 166 -13.45 -14.43 2.21
C GLY A 166 -12.10 -14.07 1.62
N GLY A 167 -12.06 -13.24 0.59
CA GLY A 167 -10.78 -12.78 0.08
C GLY A 167 -10.03 -11.98 1.14
N TYR A 168 -8.70 -12.05 1.15
CA TYR A 168 -7.91 -11.25 2.08
C TYR A 168 -6.50 -11.02 1.57
N ALA A 169 -5.82 -10.02 2.11
CA ALA A 169 -4.49 -9.70 1.65
C ALA A 169 -3.49 -10.56 2.38
N PHE A 170 -3.11 -10.13 3.58
CA PHE A 170 -2.24 -10.91 4.45
C PHE A 170 -3.00 -11.32 5.70
N LYS A 171 -3.05 -12.62 5.96
CA LYS A 171 -3.90 -13.20 7.01
C LYS A 171 -3.76 -12.47 8.32
N TYR A 172 -4.86 -11.91 8.79
CA TYR A 172 -4.89 -11.24 10.08
C TYR A 172 -5.75 -12.04 11.03
N GLU A 173 -5.11 -12.73 11.96
CA GLU A 173 -5.80 -13.45 13.02
C GLU A 173 -5.07 -13.17 14.33
N ASN A 174 -5.59 -12.22 15.10
CA ASN A 174 -4.93 -11.74 16.31
C ASN A 174 -3.51 -11.24 16.03
N TYR A 177 -0.50 -11.52 12.26
CA TYR A 177 -0.26 -11.62 10.83
C TYR A 177 0.53 -12.87 10.46
N ASP A 178 0.01 -13.62 9.49
CA ASP A 178 0.80 -14.63 8.79
C ASP A 178 1.07 -14.09 7.39
N ILE A 179 2.16 -13.35 7.23
CA ILE A 179 2.47 -12.68 5.97
C ILE A 179 2.62 -13.69 4.81
N LYS A 180 2.98 -14.93 5.14
CA LYS A 180 3.08 -15.98 4.13
C LYS A 180 1.70 -16.42 3.63
N ASP A 181 0.69 -16.20 4.45
CA ASP A 181 -0.70 -16.60 4.16
C ASP A 181 -1.43 -15.49 3.40
N VAL A 182 -1.60 -15.68 2.09
CA VAL A 182 -2.17 -14.66 1.22
C VAL A 182 -3.46 -15.17 0.57
N GLY A 183 -4.53 -14.38 0.64
CA GLY A 183 -5.86 -14.86 0.22
C GLY A 183 -6.38 -14.12 -0.99
N VAL A 184 -5.47 -13.70 -1.85
CA VAL A 184 -5.84 -12.88 -2.99
C VAL A 184 -6.53 -13.72 -4.08
N ASP A 185 -6.22 -15.01 -4.14
CA ASP A 185 -6.84 -15.84 -5.18
C ASP A 185 -7.64 -17.03 -4.62
N ASN A 186 -8.22 -16.86 -3.43
CA ASN A 186 -9.04 -17.93 -2.90
C ASN A 186 -10.46 -17.84 -3.47
N ALA A 187 -11.34 -18.71 -3.00
CA ALA A 187 -12.67 -18.82 -3.59
C ALA A 187 -13.50 -17.57 -3.34
N GLY A 188 -13.37 -16.99 -2.15
CA GLY A 188 -14.13 -15.79 -1.83
C GLY A 188 -13.71 -14.60 -2.68
N ALA A 189 -12.41 -14.43 -2.86
CA ALA A 189 -11.91 -13.32 -3.68
C ALA A 189 -12.39 -13.48 -5.12
N LYS A 190 -12.39 -14.71 -5.62
CA LYS A 190 -12.82 -14.95 -7.00
C LYS A 190 -14.32 -14.68 -7.16
N ALA A 191 -15.11 -15.09 -6.17
CA ALA A 191 -16.54 -14.84 -6.20
C ALA A 191 -16.83 -13.34 -6.28
N GLY A 192 -16.16 -12.56 -5.44
CA GLY A 192 -16.34 -11.11 -5.42
C GLY A 192 -15.97 -10.47 -6.74
N LEU A 193 -14.79 -10.79 -7.25
CA LEU A 193 -14.36 -10.17 -8.50
C LEU A 193 -15.27 -10.65 -9.64
N THR A 194 -15.66 -11.91 -9.63
CA THR A 194 -16.56 -12.42 -10.68
C THR A 194 -17.88 -11.63 -10.69
N PHE A 195 -18.41 -11.30 -9.51
CA PHE A 195 -19.64 -10.53 -9.44
C PHE A 195 -19.44 -9.18 -10.11
N LEU A 196 -18.27 -8.57 -9.89
CA LEU A 196 -17.99 -7.27 -10.48
C LEU A 196 -17.91 -7.40 -12.00
N VAL A 197 -17.22 -8.45 -12.44
CA VAL A 197 -17.04 -8.66 -13.87
C VAL A 197 -18.39 -8.92 -14.53
N ASP A 198 -19.28 -9.62 -13.85
CA ASP A 198 -20.60 -9.91 -14.41
C ASP A 198 -21.43 -8.63 -14.49
N LEU A 199 -21.27 -7.72 -13.53
CA LEU A 199 -21.94 -6.43 -13.60
C LEU A 199 -21.59 -5.74 -14.90
N ILE A 200 -20.31 -5.78 -15.25
CA ILE A 200 -19.81 -5.17 -16.48
C ILE A 200 -20.32 -5.87 -17.74
N LYS A 201 -20.21 -7.20 -17.78
CA LYS A 201 -20.66 -7.96 -18.94
C LYS A 201 -22.16 -7.78 -19.20
N ASN A 202 -22.92 -7.59 -18.14
CA ASN A 202 -24.36 -7.36 -18.24
C ASN A 202 -24.74 -5.88 -18.35
N LYS A 203 -23.75 -5.05 -18.66
CA LYS A 203 -23.98 -3.63 -18.96
C LYS A 203 -24.47 -2.82 -17.76
N HIS A 204 -24.20 -3.30 -16.56
CA HIS A 204 -24.59 -2.56 -15.36
C HIS A 204 -23.46 -1.63 -14.90
N MET A 205 -22.26 -1.85 -15.44
CA MET A 205 -21.12 -0.97 -15.19
C MET A 205 -20.19 -0.99 -16.39
N ASN A 206 -19.24 -0.08 -16.42
CA ASN A 206 -18.34 0.10 -17.55
C ASN A 206 -16.89 -0.01 -17.05
N ALA A 207 -16.11 -0.92 -17.63
CA ALA A 207 -14.75 -1.15 -17.14
C ALA A 207 -13.86 0.10 -17.17
N ASP A 208 -14.22 1.07 -18.02
CA ASP A 208 -13.42 2.29 -18.18
C ASP A 208 -13.68 3.33 -17.07
N THR A 209 -14.73 3.12 -16.28
CA THR A 209 -15.08 4.10 -15.23
C THR A 209 -13.95 4.35 -14.22
N ASP A 210 -13.61 5.62 -14.03
CA ASP A 210 -12.60 6.00 -13.03
C ASP A 210 -13.16 6.97 -12.01
N TYR A 211 -12.28 7.52 -11.18
CA TYR A 211 -12.72 8.43 -10.13
C TYR A 211 -13.53 9.61 -10.68
N SER A 212 -12.96 10.34 -11.63
CA SER A 212 -13.61 11.52 -12.19
CA SER A 212 -13.60 11.52 -12.20
CA SER A 212 -13.59 11.52 -12.22
C SER A 212 -14.95 11.20 -12.84
N ILE A 213 -15.00 10.13 -13.64
CA ILE A 213 -16.23 9.75 -14.33
C ILE A 213 -17.37 9.35 -13.36
N ALA A 214 -17.07 8.48 -12.40
CA ALA A 214 -18.07 8.13 -11.38
C ALA A 214 -18.55 9.34 -10.57
N GLU A 215 -17.60 10.15 -10.09
CA GLU A 215 -17.95 11.36 -9.32
C GLU A 215 -18.89 12.29 -10.09
N ALA A 216 -18.54 12.55 -11.35
CA ALA A 216 -19.35 13.42 -12.20
C ALA A 216 -20.74 12.84 -12.48
N ALA A 217 -20.80 11.53 -12.69
CA ALA A 217 -22.09 10.87 -12.94
C ALA A 217 -22.98 10.90 -11.71
N PHE A 218 -22.40 10.68 -10.54
CA PHE A 218 -23.20 10.80 -9.33
C PHE A 218 -23.63 12.24 -9.09
N ASN A 219 -22.69 13.18 -9.17
CA ASN A 219 -23.00 14.56 -8.78
C ASN A 219 -23.92 15.24 -9.79
N LYS A 220 -24.03 14.66 -10.99
CA LYS A 220 -24.97 15.14 -12.00
C LYS A 220 -26.31 14.41 -11.94
N GLY A 221 -26.47 13.50 -10.97
CA GLY A 221 -27.72 12.77 -10.81
C GLY A 221 -28.01 11.75 -11.89
N GLU A 222 -26.97 11.19 -12.50
CA GLU A 222 -27.11 10.18 -13.56
C GLU A 222 -27.10 8.78 -13.01
N THR A 223 -26.42 8.59 -11.90
CA THR A 223 -26.33 7.28 -11.26
C THR A 223 -26.80 7.41 -9.82
N ALA A 224 -27.46 6.37 -9.31
CA ALA A 224 -28.17 6.48 -8.04
C ALA A 224 -27.24 6.27 -6.85
N MET A 225 -26.07 5.69 -7.10
CA MET A 225 -25.14 5.30 -6.07
C MET A 225 -23.70 5.44 -6.52
N THR A 226 -22.81 5.71 -5.57
CA THR A 226 -21.38 5.60 -5.82
C THR A 226 -20.71 5.05 -4.55
N ILE A 227 -19.46 4.65 -4.69
CA ILE A 227 -18.69 4.19 -3.54
C ILE A 227 -17.50 5.11 -3.36
N ASN A 228 -17.41 5.76 -2.20
CA ASN A 228 -16.35 6.74 -2.00
C ASN A 228 -16.15 7.06 -0.54
N GLY A 229 -15.12 7.86 -0.25
CA GLY A 229 -14.78 8.22 1.12
C GLY A 229 -15.21 9.63 1.51
N PRO A 230 -14.95 10.02 2.78
CA PRO A 230 -15.47 11.30 3.28
C PRO A 230 -14.98 12.51 2.48
N TRP A 231 -13.79 12.43 1.89
CA TRP A 231 -13.21 13.54 1.13
C TRP A 231 -14.08 13.97 -0.05
N ALA A 232 -14.90 13.04 -0.53
CA ALA A 232 -15.79 13.27 -1.67
C ALA A 232 -17.06 14.04 -1.34
N TRP A 233 -17.41 14.14 -0.05
CA TRP A 233 -18.71 14.71 0.31
C TRP A 233 -18.83 16.19 -0.06
N SER A 234 -17.70 16.89 -0.01
CA SER A 234 -17.70 18.32 -0.30
C SER A 234 -18.23 18.61 -1.69
N ASN A 235 -17.73 17.87 -2.67
CA ASN A 235 -18.19 18.07 -4.04
C ASN A 235 -19.65 17.72 -4.22
N ILE A 236 -20.13 16.71 -3.50
CA ILE A 236 -21.54 16.35 -3.58
C ILE A 236 -22.42 17.47 -3.00
N ASP A 237 -21.98 18.07 -1.90
CA ASP A 237 -22.70 19.21 -1.32
C ASP A 237 -22.93 20.31 -2.34
N THR A 238 -21.86 20.65 -3.07
CA THR A 238 -21.91 21.69 -4.09
C THR A 238 -22.92 21.35 -5.19
N SER A 239 -22.96 20.08 -5.57
CA SER A 239 -23.85 19.64 -6.65
C SER A 239 -25.32 19.71 -6.27
N LYS A 240 -25.59 19.90 -4.98
CA LYS A 240 -26.96 19.96 -4.42
C LYS A 240 -27.76 18.66 -4.63
N VAL A 241 -27.08 17.56 -4.92
CA VAL A 241 -27.72 16.25 -4.91
C VAL A 241 -28.14 15.92 -3.49
N ASN A 242 -29.37 15.42 -3.33
CA ASN A 242 -29.86 15.01 -2.02
C ASN A 242 -29.33 13.61 -1.69
N TYR A 243 -28.20 13.55 -0.98
CA TYR A 243 -27.53 12.28 -0.79
C TYR A 243 -27.54 11.77 0.64
N GLY A 244 -27.30 10.47 0.78
CA GLY A 244 -27.14 9.82 2.07
C GLY A 244 -25.90 8.93 2.05
N VAL A 245 -25.35 8.68 3.23
CA VAL A 245 -24.16 7.85 3.38
C VAL A 245 -24.51 6.65 4.26
N THR A 246 -24.24 5.45 3.80
CA THR A 246 -24.72 4.29 4.55
C THR A 246 -23.80 3.07 4.44
N VAL A 247 -24.19 1.98 5.09
CA VAL A 247 -23.39 0.75 5.08
C VAL A 247 -23.33 0.18 3.66
N LEU A 248 -22.18 -0.38 3.31
CA LEU A 248 -22.00 -0.98 1.99
C LEU A 248 -22.90 -2.20 1.89
N PRO A 249 -23.29 -2.58 0.67
CA PRO A 249 -24.14 -3.78 0.53
C PRO A 249 -23.40 -5.03 0.99
N THR A 250 -24.14 -6.06 1.38
CA THR A 250 -23.54 -7.36 1.64
C THR A 250 -23.33 -8.13 0.36
N PHE A 251 -22.45 -9.12 0.40
CA PHE A 251 -22.27 -10.04 -0.70
C PHE A 251 -22.29 -11.45 -0.15
N LYS A 252 -23.15 -12.30 -0.71
CA LYS A 252 -23.38 -13.64 -0.17
C LYS A 252 -23.70 -13.58 1.32
N GLY A 253 -24.51 -12.60 1.71
CA GLY A 253 -24.94 -12.49 3.09
C GLY A 253 -23.88 -11.97 4.04
N GLN A 254 -22.69 -11.67 3.54
CA GLN A 254 -21.60 -11.14 4.35
C GLN A 254 -21.35 -9.67 4.05
N PRO A 255 -21.04 -8.88 5.09
CA PRO A 255 -20.63 -7.47 4.97
C PRO A 255 -19.47 -7.24 4.01
N SER A 256 -19.58 -6.25 3.14
CA SER A 256 -18.39 -5.78 2.43
C SER A 256 -17.40 -5.24 3.46
N LYS A 257 -16.11 -5.46 3.22
CA LYS A 257 -15.10 -5.15 4.23
C LYS A 257 -14.05 -4.23 3.63
N PRO A 258 -14.26 -2.92 3.77
CA PRO A 258 -13.27 -2.00 3.18
C PRO A 258 -11.94 -2.08 3.91
N PHE A 259 -10.84 -1.92 3.18
CA PHE A 259 -9.55 -1.71 3.87
C PHE A 259 -9.59 -0.32 4.49
N VAL A 260 -9.42 -0.26 5.80
CA VAL A 260 -9.45 1.01 6.51
C VAL A 260 -8.09 1.71 6.44
N GLY A 261 -8.10 2.97 6.02
CA GLY A 261 -6.86 3.72 5.91
C GLY A 261 -6.80 4.85 6.94
N VAL A 262 -5.62 5.02 7.52
CA VAL A 262 -5.39 6.15 8.41
C VAL A 262 -4.53 7.16 7.66
N LEU A 263 -5.14 8.28 7.28
CA LEU A 263 -4.39 9.40 6.75
C LEU A 263 -3.31 9.79 7.77
N SER A 264 -2.08 9.91 7.29
CA SER A 264 -0.92 10.11 8.16
C SER A 264 0.09 11.05 7.52
N ALA A 265 0.86 11.76 8.36
CA ALA A 265 1.88 12.67 7.86
C ALA A 265 3.26 12.25 8.34
N GLY A 266 4.14 11.96 7.39
CA GLY A 266 5.49 11.57 7.75
C GLY A 266 6.45 12.71 7.56
N ILE A 267 7.60 12.61 8.21
CA ILE A 267 8.69 13.56 8.06
C ILE A 267 9.84 12.94 7.29
N ASN A 268 10.18 13.54 6.16
CA ASN A 268 11.28 13.11 5.31
C ASN A 268 12.59 12.93 6.10
N ALA A 269 13.18 11.74 5.97
CA ALA A 269 14.42 11.46 6.68
C ALA A 269 15.53 12.47 6.35
N ALA A 270 15.51 12.98 5.12
CA ALA A 270 16.53 13.94 4.69
C ALA A 270 16.17 15.41 4.95
N SER A 271 15.05 15.68 5.63
CA SER A 271 14.72 17.07 5.93
C SER A 271 15.61 17.66 7.02
N PRO A 272 16.10 18.90 6.80
CA PRO A 272 16.81 19.65 7.85
C PRO A 272 15.83 20.42 8.73
N ASN A 273 14.54 20.27 8.43
CA ASN A 273 13.49 20.97 9.16
C ASN A 273 12.57 20.09 10.00
N LYS A 274 13.12 19.02 10.59
CA LYS A 274 12.32 18.05 11.31
C LYS A 274 11.65 18.69 12.53
N GLU A 275 12.36 19.58 13.22
CA GLU A 275 11.78 20.24 14.38
C GLU A 275 10.68 21.20 13.97
N LEU A 276 10.86 21.89 12.85
CA LEU A 276 9.79 22.74 12.30
C LEU A 276 8.59 21.90 11.90
N ALA A 277 8.85 20.76 11.28
CA ALA A 277 7.76 19.90 10.84
C ALA A 277 6.98 19.42 12.06
N LYS A 278 7.71 19.04 13.09
CA LYS A 278 7.08 18.60 14.33
C LYS A 278 6.20 19.70 14.90
N GLU A 279 6.71 20.92 14.95
CA GLU A 279 5.94 22.06 15.46
C GLU A 279 4.67 22.28 14.65
N PHE A 280 4.81 22.25 13.33
CA PHE A 280 3.66 22.44 12.46
C PHE A 280 2.61 21.37 12.70
N LEU A 281 3.03 20.11 12.70
CA LEU A 281 2.06 19.02 12.78
C LEU A 281 1.40 18.97 14.16
N GLU A 282 2.17 19.14 15.22
CA GLU A 282 1.64 18.99 16.57
C GLU A 282 0.85 20.20 17.06
N ASN A 283 1.31 21.41 16.76
CA ASN A 283 0.69 22.60 17.36
C ASN A 283 -0.12 23.45 16.40
N TYR A 284 -0.14 23.07 15.12
CA TYR A 284 -0.96 23.77 14.15
C TYR A 284 -1.97 22.82 13.51
N LEU A 285 -1.50 21.73 12.91
CA LEU A 285 -2.45 20.85 12.21
C LEU A 285 -3.29 20.02 13.17
N LEU A 286 -2.63 19.25 14.03
CA LEU A 286 -3.35 18.36 14.93
C LEU A 286 -3.91 19.12 16.13
N THR A 287 -4.79 20.09 15.83
CA THR A 287 -5.57 20.80 16.84
C THR A 287 -7.02 20.89 16.36
N ASP A 288 -7.90 21.43 17.19
CA ASP A 288 -9.30 21.58 16.81
C ASP A 288 -9.46 22.51 15.59
N GLU A 289 -8.79 23.65 15.62
CA GLU A 289 -8.93 24.61 14.53
C GLU A 289 -8.15 24.18 13.28
N GLY A 290 -7.03 23.48 13.48
CA GLY A 290 -6.27 23.00 12.35
C GLY A 290 -7.03 21.95 11.55
N LEU A 291 -7.52 20.93 12.26
CA LEU A 291 -8.26 19.86 11.61
C LEU A 291 -9.57 20.37 11.03
N GLU A 292 -10.16 21.35 11.69
CA GLU A 292 -11.38 21.97 11.17
C GLU A 292 -11.14 22.63 9.83
N ALA A 293 -10.02 23.35 9.71
CA ALA A 293 -9.71 24.07 8.48
C ALA A 293 -9.53 23.13 7.29
N VAL A 294 -8.92 21.98 7.53
CA VAL A 294 -8.79 20.98 6.47
C VAL A 294 -10.14 20.35 6.18
N ASN A 295 -10.85 19.98 7.24
CA ASN A 295 -12.14 19.28 7.13
C ASN A 295 -13.18 20.11 6.36
N LYS A 296 -13.14 21.43 6.56
CA LYS A 296 -14.09 22.32 5.90
C LYS A 296 -13.79 22.39 4.39
N ASP A 297 -12.56 22.05 4.02
CA ASP A 297 -12.19 21.99 2.61
C ASP A 297 -12.71 20.68 2.02
N LYS A 298 -12.16 19.56 2.49
CA LYS A 298 -12.66 18.24 2.15
C LYS A 298 -12.68 17.44 3.43
N PRO A 299 -13.82 16.81 3.76
CA PRO A 299 -13.90 16.09 5.02
C PRO A 299 -12.81 15.02 5.20
N LEU A 300 -12.20 15.03 6.37
CA LEU A 300 -11.12 14.10 6.68
C LEU A 300 -11.61 12.69 7.01
N GLY A 301 -12.86 12.58 7.46
CA GLY A 301 -13.34 11.34 8.04
C GLY A 301 -13.36 11.42 9.56
N ALA A 302 -13.03 10.32 10.23
CA ALA A 302 -13.02 10.31 11.69
C ALA A 302 -11.62 10.63 12.18
N VAL A 303 -11.43 11.84 12.69
CA VAL A 303 -10.09 12.34 12.96
C VAL A 303 -9.44 11.63 14.15
N ALA A 304 -8.11 11.60 14.15
CA ALA A 304 -7.36 10.92 15.21
C ALA A 304 -7.42 11.69 16.52
N LEU A 305 -7.74 12.98 16.43
CA LEU A 305 -7.73 13.86 17.60
C LEU A 305 -9.01 13.71 18.43
N LYS A 306 -8.86 13.21 19.66
CA LYS A 306 -10.02 12.86 20.51
C LYS A 306 -11.01 14.01 20.64
N SER A 307 -10.51 15.16 21.06
CA SER A 307 -11.36 16.33 21.31
C SER A 307 -12.23 16.69 20.10
N TYR A 308 -11.66 16.66 18.91
CA TYR A 308 -12.40 17.11 17.73
C TYR A 308 -13.28 16.00 17.15
N GLU A 309 -12.85 14.75 17.30
CA GLU A 309 -13.69 13.63 16.85
C GLU A 309 -14.98 13.56 17.64
N GLU A 310 -14.90 13.91 18.93
CA GLU A 310 -16.08 13.87 19.79
C GLU A 310 -17.19 14.75 19.22
N GLU A 311 -16.81 15.82 18.54
CA GLU A 311 -17.78 16.64 17.80
C GLU A 311 -18.20 15.96 16.49
N LEU A 312 -17.23 15.57 15.69
CA LEU A 312 -17.50 15.02 14.35
C LEU A 312 -18.33 13.73 14.41
N ALA A 313 -18.24 13.00 15.52
CA ALA A 313 -18.91 11.72 15.67
C ALA A 313 -20.43 11.85 15.67
N LYS A 314 -20.92 13.06 15.90
CA LYS A 314 -22.36 13.31 15.89
C LYS A 314 -22.93 13.32 14.47
N ASP A 315 -22.05 13.42 13.48
CA ASP A 315 -22.44 13.44 12.07
C ASP A 315 -22.82 12.04 11.57
N PRO A 316 -24.06 11.89 11.09
CA PRO A 316 -24.56 10.60 10.58
C PRO A 316 -23.67 10.04 9.47
N ARG A 317 -23.04 10.92 8.70
CA ARG A 317 -22.13 10.47 7.64
C ARG A 317 -20.89 9.84 8.26
N ILE A 318 -20.44 10.39 9.39
CA ILE A 318 -19.28 9.83 10.08
C ILE A 318 -19.62 8.52 10.82
N ALA A 319 -20.77 8.50 11.49
CA ALA A 319 -21.29 7.25 12.06
C ALA A 319 -21.29 6.13 11.02
N ALA A 320 -21.81 6.43 9.83
CA ALA A 320 -21.77 5.50 8.71
C ALA A 320 -20.34 5.08 8.31
N THR A 321 -19.42 6.03 8.32
CA THR A 321 -18.03 5.75 7.98
C THR A 321 -17.43 4.76 8.98
N MET A 322 -17.71 4.99 10.25
CA MET A 322 -17.22 4.12 11.31
C MET A 322 -17.91 2.76 11.26
N GLU A 323 -19.18 2.74 10.86
CA GLU A 323 -19.88 1.48 10.74
C GLU A 323 -19.21 0.60 9.69
N ASN A 324 -18.86 1.20 8.56
CA ASN A 324 -18.16 0.49 7.51
C ASN A 324 -16.74 0.12 7.95
N ALA A 325 -16.10 1.05 8.64
CA ALA A 325 -14.74 0.85 9.12
C ALA A 325 -14.68 -0.36 10.07
N GLN A 326 -15.65 -0.44 10.97
CA GLN A 326 -15.71 -1.56 11.91
C GLN A 326 -15.95 -2.90 11.22
N LYS A 327 -16.57 -2.89 10.04
CA LYS A 327 -16.82 -4.13 9.32
C LYS A 327 -15.62 -4.51 8.43
N GLY A 328 -14.76 -3.54 8.19
CA GLY A 328 -13.55 -3.75 7.41
C GLY A 328 -12.37 -4.09 8.30
N GLU A 329 -11.18 -3.84 7.78
CA GLU A 329 -9.96 -4.14 8.50
C GLU A 329 -8.92 -3.05 8.27
N ILE A 330 -8.20 -2.67 9.32
CA ILE A 330 -7.11 -1.72 9.16
C ILE A 330 -6.04 -2.29 8.22
N MET A 331 -5.63 -1.52 7.22
CA MET A 331 -4.56 -1.96 6.33
C MET A 331 -3.27 -2.28 7.08
N PRO A 332 -2.54 -3.31 6.63
CA PRO A 332 -1.19 -3.56 7.13
C PRO A 332 -0.25 -2.47 6.66
N ASN A 333 0.90 -2.29 7.29
CA ASN A 333 1.88 -1.38 6.73
C ASN A 333 3.18 -2.07 6.37
N ILE A 334 3.16 -3.39 6.20
CA ILE A 334 4.35 -4.15 5.82
C ILE A 334 4.93 -3.56 4.53
N PRO A 335 6.25 -3.69 4.34
CA PRO A 335 6.90 -3.00 3.21
C PRO A 335 6.37 -3.38 1.82
N GLN A 336 5.83 -4.59 1.64
CA GLN A 336 5.39 -4.96 0.30
C GLN A 336 3.93 -4.58 0.01
N MET A 337 3.37 -3.63 0.76
CA MET A 337 1.98 -3.23 0.54
C MET A 337 1.82 -2.61 -0.85
N SER A 338 2.81 -1.85 -1.31
CA SER A 338 2.74 -1.24 -2.63
CA SER A 338 2.72 -1.23 -2.62
C SER A 338 2.64 -2.30 -3.71
N ALA A 339 3.44 -3.36 -3.55
CA ALA A 339 3.51 -4.44 -4.51
C ALA A 339 2.17 -5.19 -4.55
N PHE A 340 1.58 -5.36 -3.37
CA PHE A 340 0.27 -5.99 -3.26
C PHE A 340 -0.76 -5.15 -4.02
N TRP A 341 -0.76 -3.84 -3.78
CA TRP A 341 -1.73 -2.96 -4.43
C TRP A 341 -1.51 -2.93 -5.92
N TYR A 342 -0.25 -2.92 -6.36
CA TYR A 342 0.02 -2.93 -7.80
C TYR A 342 -0.54 -4.22 -8.41
N ALA A 343 -0.36 -5.33 -7.72
CA ALA A 343 -0.82 -6.62 -8.23
C ALA A 343 -2.34 -6.70 -8.33
N VAL A 344 -3.03 -6.24 -7.29
CA VAL A 344 -4.50 -6.32 -7.31
C VAL A 344 -5.06 -5.31 -8.30
N ARG A 345 -4.41 -4.15 -8.42
CA ARG A 345 -4.83 -3.15 -9.39
C ARG A 345 -4.87 -3.74 -10.80
N THR A 346 -3.77 -4.38 -11.19
CA THR A 346 -3.66 -4.98 -12.51
C THR A 346 -4.73 -6.06 -12.68
N ALA A 347 -4.98 -6.83 -11.64
CA ALA A 347 -5.95 -7.93 -11.70
C ALA A 347 -7.38 -7.44 -11.91
N VAL A 348 -7.77 -6.40 -11.19
CA VAL A 348 -9.11 -5.87 -11.37
C VAL A 348 -9.25 -5.27 -12.77
N ILE A 349 -8.26 -4.49 -13.20
CA ILE A 349 -8.30 -3.88 -14.52
C ILE A 349 -8.33 -4.95 -15.63
N ASN A 350 -7.49 -5.96 -15.50
CA ASN A 350 -7.45 -7.00 -16.52
C ASN A 350 -8.72 -7.84 -16.54
N ALA A 351 -9.24 -8.16 -15.36
CA ALA A 351 -10.48 -8.93 -15.28
C ALA A 351 -11.67 -8.14 -15.84
N ALA A 352 -11.74 -6.86 -15.47
CA ALA A 352 -12.85 -6.00 -15.91
C ALA A 352 -12.85 -5.81 -17.43
N SER A 353 -11.67 -5.77 -18.03
CA SER A 353 -11.55 -5.50 -19.46
C SER A 353 -11.61 -6.78 -20.29
N GLY A 354 -11.64 -7.93 -19.62
CA GLY A 354 -11.57 -9.20 -20.31
C GLY A 354 -10.17 -9.62 -20.76
N ARG A 355 -9.15 -8.79 -20.48
CA ARG A 355 -7.78 -9.11 -20.86
C ARG A 355 -7.31 -10.43 -20.24
N GLN A 356 -7.81 -10.70 -19.04
CA GLN A 356 -7.57 -11.95 -18.35
C GLN A 356 -8.88 -12.41 -17.77
N THR A 357 -9.02 -13.72 -17.56
CA THR A 357 -10.16 -14.23 -16.81
C THR A 357 -9.93 -13.88 -15.35
N VAL A 358 -10.99 -13.94 -14.56
CA VAL A 358 -10.88 -13.69 -13.14
C VAL A 358 -9.84 -14.62 -12.49
N ASP A 359 -9.95 -15.91 -12.80
CA ASP A 359 -9.08 -16.92 -12.18
C ASP A 359 -7.62 -16.64 -12.45
N GLU A 360 -7.28 -16.35 -13.70
CA GLU A 360 -5.87 -16.10 -14.03
C GLU A 360 -5.41 -14.75 -13.53
N ALA A 361 -6.29 -13.75 -13.54
CA ALA A 361 -5.93 -12.42 -13.04
C ALA A 361 -5.56 -12.42 -11.55
N LEU A 362 -6.36 -13.11 -10.74
CA LEU A 362 -6.08 -13.20 -9.31
C LEU A 362 -4.91 -14.12 -9.04
N LYS A 363 -4.69 -15.11 -9.90
CA LYS A 363 -3.52 -15.96 -9.73
C LYS A 363 -2.25 -15.09 -9.81
N ASP A 364 -2.17 -14.24 -10.82
CA ASP A 364 -1.04 -13.33 -10.95
C ASP A 364 -0.95 -12.37 -9.76
N ALA A 365 -2.08 -11.87 -9.27
CA ALA A 365 -2.03 -10.96 -8.12
C ALA A 365 -1.52 -11.69 -6.88
N GLN A 366 -1.94 -12.94 -6.71
CA GLN A 366 -1.47 -13.78 -5.61
C GLN A 366 0.06 -13.88 -5.63
N THR A 367 0.59 -14.26 -6.78
CA THR A 367 2.04 -14.40 -6.96
C THR A 367 2.77 -13.10 -6.71
N GLY A 368 2.24 -12.00 -7.27
CA GLY A 368 2.83 -10.68 -7.05
C GLY A 368 2.85 -10.29 -5.59
N SER A 369 1.74 -10.55 -4.90
CA SER A 369 1.62 -10.22 -3.49
C SER A 369 2.54 -11.09 -2.60
N GLU A 370 2.75 -12.34 -3.00
CA GLU A 370 3.55 -13.27 -2.20
C GLU A 370 5.05 -13.13 -2.47
N LEU A 371 5.37 -12.37 -3.51
CA LEU A 371 6.70 -12.41 -4.08
C LEU A 371 7.80 -12.04 -3.10
N TYR A 372 7.60 -10.97 -2.33
CA TYR A 372 8.64 -10.52 -1.41
C TYR A 372 8.94 -11.53 -0.31
N ARG A 373 7.91 -11.93 0.43
CA ARG A 373 8.12 -12.83 1.56
C ARG A 373 8.64 -14.20 1.11
N GLN A 374 8.20 -14.67 -0.04
CA GLN A 374 8.66 -15.98 -0.49
C GLN A 374 10.10 -15.94 -0.99
N SER A 375 10.44 -14.88 -1.72
CA SER A 375 11.82 -14.69 -2.13
C SER A 375 12.73 -14.53 -0.92
N LEU A 376 12.27 -13.75 0.06
CA LEU A 376 13.08 -13.52 1.25
C LEU A 376 13.30 -14.83 1.98
N GLU A 377 12.26 -15.67 2.04
CA GLU A 377 12.42 -16.94 2.74
C GLU A 377 13.51 -17.80 2.08
N ILE A 378 13.40 -17.94 0.77
CA ILE A 378 14.35 -18.72 -0.02
C ILE A 378 15.77 -18.17 0.09
N ILE A 379 15.93 -16.86 -0.10
CA ILE A 379 17.25 -16.26 -0.17
C ILE A 379 17.90 -16.19 1.22
N SER A 380 17.12 -15.83 2.23
CA SER A 380 17.60 -15.81 3.59
C SER A 380 18.10 -17.18 4.00
N ARG A 381 17.29 -18.20 3.75
CA ARG A 381 17.66 -19.54 4.16
C ARG A 381 18.93 -19.98 3.45
N TYR A 382 19.03 -19.71 2.16
CA TYR A 382 20.19 -20.11 1.38
C TYR A 382 21.46 -19.42 1.89
N LEU A 383 21.39 -18.11 2.09
CA LEU A 383 22.55 -17.36 2.57
C LEU A 383 22.97 -17.84 3.97
N ARG A 384 22.00 -18.11 4.83
CA ARG A 384 22.34 -18.51 6.20
C ARG A 384 22.98 -19.89 6.24
N GLU A 385 22.42 -20.85 5.51
CA GLU A 385 22.96 -22.21 5.49
C GLU A 385 24.29 -22.27 4.75
N GLN A 386 24.45 -21.42 3.74
CA GLN A 386 25.73 -21.35 3.04
C GLN A 386 26.82 -20.81 3.97
N ALA A 387 26.46 -19.87 4.83
CA ALA A 387 27.43 -19.23 5.72
C ALA A 387 27.81 -20.09 6.93
N THR A 388 26.86 -20.86 7.46
CA THR A 388 27.12 -21.68 8.65
C THR A 388 27.48 -23.10 8.29
N GLY A 389 27.03 -23.53 7.11
CA GLY A 389 27.28 -24.86 6.63
C GLY A 389 26.18 -25.84 7.00
N ALA A 390 25.18 -25.36 7.73
CA ALA A 390 24.10 -26.25 8.19
C ALA A 390 22.73 -25.65 7.85
N ALA A 391 21.78 -26.52 7.55
CA ALA A 391 20.44 -26.08 7.14
C ALA A 391 19.56 -25.65 8.32
N ASP A 392 18.54 -24.85 8.02
CA ASP A 392 17.50 -24.49 8.97
C ASP A 392 16.40 -25.54 8.89
N THR A 393 16.10 -26.23 9.98
CA THR A 393 15.10 -27.30 9.96
C THR A 393 13.71 -26.82 10.37
N ALA A 394 13.56 -25.51 10.56
CA ALA A 394 12.24 -24.96 10.82
C ALA A 394 11.34 -25.19 9.60
N PRO A 395 10.07 -25.52 9.84
CA PRO A 395 9.11 -25.67 8.73
C PRO A 395 9.03 -24.40 7.86
N MET A 396 8.87 -24.58 6.55
CA MET A 396 8.71 -23.45 5.63
C MET A 396 7.41 -22.68 5.82
N GLY A 397 6.40 -23.34 6.39
CA GLY A 397 5.10 -22.71 6.57
C GLY A 397 4.23 -22.73 5.31
N ALA A 398 3.33 -21.76 5.19
CA ALA A 398 2.43 -21.64 4.04
C ALA A 398 3.20 -21.51 2.72
N SER A 399 2.65 -22.08 1.65
CA SER A 399 3.36 -22.24 0.38
C SER A 399 4.70 -22.92 0.58
N GLY A 400 4.73 -23.89 1.50
CA GLY A 400 5.96 -24.55 1.86
C GLY A 400 6.57 -25.40 0.76
N ALA A 401 5.72 -26.00 -0.07
CA ALA A 401 6.22 -26.80 -1.19
C ALA A 401 7.08 -25.94 -2.12
N THR A 402 6.55 -24.77 -2.50
CA THR A 402 7.24 -23.88 -3.41
C THR A 402 8.58 -23.43 -2.85
N SER A 403 8.55 -22.89 -1.64
CA SER A 403 9.77 -22.45 -0.98
C SER A 403 10.80 -23.57 -0.84
N ARG A 404 10.34 -24.75 -0.41
CA ARG A 404 11.23 -25.88 -0.21
C ARG A 404 11.88 -26.36 -1.53
N LYS A 405 11.06 -26.53 -2.57
CA LYS A 405 11.56 -26.99 -3.86
C LYS A 405 12.47 -25.98 -4.53
N ALA A 406 12.17 -24.71 -4.35
CA ALA A 406 13.01 -23.66 -4.91
C ALA A 406 14.38 -23.69 -4.25
N LEU A 407 14.41 -23.81 -2.93
CA LEU A 407 15.66 -23.88 -2.19
C LEU A 407 16.45 -25.13 -2.57
N GLU A 408 15.76 -26.23 -2.81
CA GLU A 408 16.44 -27.46 -3.22
C GLU A 408 17.09 -27.26 -4.59
N THR A 409 16.38 -26.58 -5.48
CA THR A 409 16.87 -26.27 -6.81
C THR A 409 18.03 -25.28 -6.76
N LEU A 410 17.91 -24.28 -5.89
CA LEU A 410 18.93 -23.27 -5.72
C LEU A 410 20.23 -23.89 -5.19
N ARG A 411 20.10 -24.82 -4.25
CA ARG A 411 21.27 -25.51 -3.73
C ARG A 411 22.05 -26.21 -4.86
N ARG A 412 21.32 -26.93 -5.69
CA ARG A 412 21.88 -27.74 -6.77
C ARG A 412 22.51 -26.87 -7.86
N VAL A 413 21.75 -25.91 -8.37
CA VAL A 413 22.26 -25.04 -9.41
C VAL A 413 23.28 -24.11 -8.84
N GLY A 414 23.02 -23.62 -7.63
CA GLY A 414 23.90 -22.66 -6.99
C GLY A 414 25.29 -23.23 -6.76
N ASP A 415 25.39 -24.55 -6.59
CA ASP A 415 26.68 -25.17 -6.30
C ASP A 415 27.63 -24.98 -7.47
N GLY A 416 27.15 -25.23 -8.68
CA GLY A 416 27.95 -25.05 -9.87
C GLY A 416 28.29 -23.60 -10.15
N VAL A 417 27.31 -22.70 -10.00
CA VAL A 417 27.55 -21.29 -10.21
C VAL A 417 28.68 -20.78 -9.30
N GLN A 418 28.64 -21.16 -8.03
CA GLN A 418 29.66 -20.70 -7.09
C GLN A 418 31.04 -21.27 -7.41
N ARG A 419 31.07 -22.54 -7.78
CA ARG A 419 32.32 -23.17 -8.17
C ARG A 419 32.93 -22.41 -9.35
N ASN A 420 32.15 -22.24 -10.42
CA ASN A 420 32.63 -21.59 -11.63
C ASN A 420 32.92 -20.09 -11.47
N HIS A 421 32.28 -19.45 -10.51
CA HIS A 421 32.41 -18.00 -10.33
C HIS A 421 33.29 -17.63 -9.14
N GLU A 422 34.02 -18.62 -8.61
CA GLU A 422 34.78 -18.39 -7.39
C GLU A 422 35.76 -17.24 -7.56
N THR A 423 36.56 -17.31 -8.62
CA THR A 423 37.50 -16.23 -8.93
C THR A 423 36.79 -14.87 -9.11
N ALA A 424 35.73 -14.85 -9.92
CA ALA A 424 34.97 -13.62 -10.13
C ALA A 424 34.40 -13.09 -8.81
N PHE A 425 33.91 -14.00 -7.97
CA PHE A 425 33.29 -13.61 -6.71
C PHE A 425 34.32 -12.99 -5.77
N GLN A 426 35.46 -13.67 -5.63
CA GLN A 426 36.58 -13.16 -4.84
C GLN A 426 37.02 -11.75 -5.29
N GLY A 427 37.14 -11.53 -6.59
CA GLY A 427 37.55 -10.24 -7.09
C GLY A 427 36.54 -9.15 -6.77
N MET A 428 35.26 -9.44 -6.99
CA MET A 428 34.19 -8.47 -6.74
C MET A 428 34.04 -8.15 -5.25
N LEU A 429 34.19 -9.18 -4.41
CA LEU A 429 34.17 -8.95 -2.97
C LEU A 429 35.29 -7.98 -2.56
N ARG A 430 36.50 -8.18 -3.08
CA ARG A 430 37.62 -7.33 -2.68
C ARG A 430 37.45 -5.91 -3.23
N LYS A 431 36.83 -5.80 -4.40
CA LYS A 431 36.59 -4.50 -5.01
C LYS A 431 35.55 -3.72 -4.20
N LEU A 432 34.55 -4.43 -3.68
CA LEU A 432 33.45 -3.78 -2.97
C LEU A 432 33.78 -3.49 -1.50
N ASP A 433 34.70 -4.27 -0.93
CA ASP A 433 35.09 -4.13 0.48
C ASP A 433 33.88 -4.09 1.41
N ILE A 434 33.22 -5.22 1.57
CA ILE A 434 32.07 -5.32 2.47
C ILE A 434 32.50 -5.82 3.84
N LYS A 435 32.53 -4.93 4.83
CA LYS A 435 33.12 -5.27 6.12
C LYS A 435 32.13 -5.21 7.28
N ASN A 436 30.99 -4.56 7.07
CA ASN A 436 30.01 -4.36 8.14
C ASN A 436 28.64 -3.96 7.61
N GLU A 437 27.70 -3.71 8.52
CA GLU A 437 26.32 -3.46 8.13
C GLU A 437 26.16 -2.17 7.32
N ASP A 438 27.07 -1.22 7.54
CA ASP A 438 27.08 0.02 6.77
C ASP A 438 27.44 -0.25 5.31
N ASP A 439 28.46 -1.09 5.11
CA ASP A 439 28.90 -1.44 3.75
C ASP A 439 27.80 -2.21 3.01
N VAL A 440 27.06 -3.03 3.74
CA VAL A 440 25.96 -3.79 3.14
C VAL A 440 24.87 -2.86 2.59
N LYS A 441 24.61 -1.78 3.30
CA LYS A 441 23.60 -0.80 2.89
C LYS A 441 23.92 -0.21 1.52
N SER A 442 25.21 -0.15 1.20
CA SER A 442 25.68 0.49 -0.02
C SER A 442 25.55 -0.39 -1.26
N LEU A 443 25.18 -1.66 -1.06
CA LEU A 443 25.07 -2.60 -2.16
C LEU A 443 23.81 -2.41 -3.01
N SER A 444 22.79 -1.81 -2.41
CA SER A 444 21.48 -1.69 -3.06
C SER A 444 21.54 -0.92 -4.38
N ARG A 445 22.16 0.25 -4.35
CA ARG A 445 22.31 1.06 -5.54
C ARG A 445 23.11 0.30 -6.59
N VAL A 446 24.15 -0.39 -6.15
CA VAL A 446 24.99 -1.16 -7.07
C VAL A 446 24.16 -2.22 -7.78
N MET A 447 23.48 -3.05 -6.99
CA MET A 447 22.69 -4.16 -7.51
C MET A 447 21.56 -3.68 -8.43
N ILE A 448 20.89 -2.59 -8.06
CA ILE A 448 19.83 -2.03 -8.89
C ILE A 448 20.33 -1.64 -10.28
N HIS A 449 21.47 -0.97 -10.32
CA HIS A 449 22.06 -0.51 -11.56
C HIS A 449 22.36 -1.69 -12.49
N VAL A 450 22.94 -2.73 -11.94
CA VAL A 450 23.24 -3.94 -12.68
C VAL A 450 21.99 -4.64 -13.22
N PHE A 451 20.93 -4.71 -12.41
CA PHE A 451 19.76 -5.52 -12.77
C PHE A 451 18.58 -4.73 -13.34
N SER A 452 18.84 -3.48 -13.72
CA SER A 452 17.82 -2.69 -14.40
C SER A 452 17.98 -2.80 -15.91
N ASP A 453 19.02 -3.48 -16.35
CA ASP A 453 19.29 -3.62 -17.77
C ASP A 453 19.38 -5.10 -18.17
N GLY A 454 19.24 -5.35 -19.47
CA GLY A 454 19.44 -6.67 -20.02
C GLY A 454 18.22 -7.58 -19.96
N VAL A 455 18.25 -8.63 -20.78
CA VAL A 455 17.21 -9.65 -20.75
C VAL A 455 17.31 -10.42 -19.43
N THR A 456 16.16 -10.66 -18.83
CA THR A 456 16.11 -11.38 -17.57
C THR A 456 16.07 -12.88 -17.84
N ASN A 457 16.85 -13.65 -17.08
CA ASN A 457 16.72 -15.10 -17.05
C ASN A 457 17.09 -15.65 -15.67
N TRP A 458 16.75 -16.92 -15.41
CA TRP A 458 16.98 -17.48 -14.08
C TRP A 458 18.47 -17.61 -13.79
N GLY A 459 19.27 -17.79 -14.84
CA GLY A 459 20.72 -17.83 -14.71
C GLY A 459 21.31 -16.61 -13.99
N ARG A 460 20.90 -15.42 -14.40
CA ARG A 460 21.47 -14.20 -13.82
C ARG A 460 20.98 -14.00 -12.39
N ILE A 461 19.77 -14.45 -12.12
CA ILE A 461 19.21 -14.35 -10.79
C ILE A 461 19.95 -15.28 -9.85
N VAL A 462 20.21 -16.51 -10.28
CA VAL A 462 21.01 -17.43 -9.48
C VAL A 462 22.42 -16.90 -9.19
N THR A 463 23.03 -16.25 -10.18
CA THR A 463 24.37 -15.71 -10.01
C THR A 463 24.39 -14.64 -8.90
N LEU A 464 23.38 -13.75 -8.89
CA LEU A 464 23.25 -12.74 -7.84
C LEU A 464 23.09 -13.38 -6.45
N ILE A 465 22.16 -14.32 -6.34
CA ILE A 465 21.94 -14.98 -5.05
C ILE A 465 23.20 -15.76 -4.64
N SER A 466 23.86 -16.40 -5.60
CA SER A 466 25.09 -17.13 -5.29
C SER A 466 26.20 -16.19 -4.77
N PHE A 467 26.29 -14.98 -5.33
CA PHE A 467 27.28 -14.02 -4.83
C PHE A 467 26.89 -13.58 -3.43
N GLY A 468 25.57 -13.45 -3.21
CA GLY A 468 25.02 -13.20 -1.89
C GLY A 468 25.49 -14.21 -0.84
N ALA A 469 25.40 -15.48 -1.20
CA ALA A 469 25.87 -16.58 -0.36
C ALA A 469 27.38 -16.49 -0.12
N PHE A 470 28.11 -16.12 -1.17
CA PHE A 470 29.56 -15.95 -1.09
C PHE A 470 29.85 -14.84 -0.08
N VAL A 471 29.12 -13.74 -0.21
CA VAL A 471 29.35 -12.60 0.66
C VAL A 471 28.93 -12.97 2.08
N ALA A 472 27.86 -13.77 2.21
CA ALA A 472 27.39 -14.16 3.52
C ALA A 472 28.44 -14.99 4.27
N LYS A 473 29.05 -15.95 3.57
CA LYS A 473 30.12 -16.77 4.14
C LYS A 473 31.27 -15.91 4.67
N HIS A 474 31.64 -14.92 3.88
CA HIS A 474 32.67 -13.97 4.26
C HIS A 474 32.26 -13.24 5.54
N LEU A 475 31.03 -12.75 5.57
CA LEU A 475 30.53 -12.01 6.72
C LEU A 475 30.57 -12.88 7.97
N LYS A 476 30.17 -14.15 7.82
CA LYS A 476 30.29 -15.12 8.89
C LYS A 476 31.74 -15.23 9.38
N THR A 477 32.65 -15.41 8.43
CA THR A 477 34.07 -15.62 8.75
C THR A 477 34.67 -14.44 9.50
N ILE A 478 34.27 -13.21 9.19
CA ILE A 478 34.87 -12.07 9.92
C ILE A 478 33.99 -11.57 11.08
N ASN A 479 33.19 -12.47 11.64
CA ASN A 479 32.42 -12.19 12.85
C ASN A 479 31.42 -11.06 12.60
N GLN A 480 30.79 -11.07 11.43
CA GLN A 480 29.75 -10.10 11.12
C GLN A 480 28.54 -10.89 10.66
N GLU A 481 28.25 -11.96 11.39
CA GLU A 481 27.15 -12.83 11.03
C GLU A 481 25.81 -12.08 11.11
N SER A 482 25.77 -10.97 11.85
CA SER A 482 24.54 -10.19 11.96
C SER A 482 24.20 -9.42 10.68
N CYS A 483 25.16 -9.33 9.77
CA CYS A 483 24.93 -8.63 8.51
C CYS A 483 24.21 -9.49 7.48
N ILE A 484 24.10 -10.79 7.75
CA ILE A 484 23.57 -11.70 6.73
C ILE A 484 22.10 -11.41 6.42
N GLU A 485 21.27 -11.21 7.44
CA GLU A 485 19.84 -10.99 7.20
C GLU A 485 19.55 -9.65 6.47
N PRO A 486 20.25 -8.55 6.86
CA PRO A 486 20.03 -7.37 6.03
C PRO A 486 20.56 -7.53 4.60
N LEU A 487 21.61 -8.34 4.41
CA LEU A 487 22.08 -8.64 3.06
C LEU A 487 21.00 -9.37 2.27
N ALA A 488 20.41 -10.38 2.89
CA ALA A 488 19.37 -11.18 2.25
C ALA A 488 18.18 -10.29 1.91
N GLU A 489 17.84 -9.39 2.82
CA GLU A 489 16.73 -8.48 2.60
C GLU A 489 17.00 -7.55 1.43
N SER A 490 18.23 -7.05 1.34
CA SER A 490 18.60 -6.13 0.28
C SER A 490 18.60 -6.79 -1.10
N ILE A 491 19.10 -8.02 -1.16
CA ILE A 491 19.11 -8.71 -2.44
C ILE A 491 17.68 -9.03 -2.86
N THR A 492 16.87 -9.48 -1.92
CA THR A 492 15.46 -9.77 -2.19
C THR A 492 14.75 -8.54 -2.72
N ASP A 493 14.98 -7.41 -2.05
CA ASP A 493 14.37 -6.15 -2.43
C ASP A 493 14.74 -5.76 -3.86
N VAL A 494 16.00 -5.94 -4.22
CA VAL A 494 16.42 -5.57 -5.57
C VAL A 494 15.79 -6.51 -6.58
N LEU A 495 15.73 -7.79 -6.22
CA LEU A 495 15.18 -8.80 -7.11
C LEU A 495 13.70 -8.56 -7.45
N VAL A 496 12.86 -8.43 -6.44
CA VAL A 496 11.42 -8.35 -6.68
C VAL A 496 11.00 -6.98 -7.20
N ARG A 497 11.82 -5.96 -6.93
CA ARG A 497 11.56 -4.65 -7.47
C ARG A 497 11.88 -4.60 -8.95
N THR A 498 13.12 -4.96 -9.32
CA THR A 498 13.55 -4.77 -10.69
C THR A 498 12.98 -5.83 -11.62
N LYS A 499 12.64 -7.01 -11.07
CA LYS A 499 12.18 -8.11 -11.93
C LYS A 499 10.73 -8.53 -11.67
N ARG A 500 9.97 -7.65 -11.01
CA ARG A 500 8.57 -7.88 -10.68
C ARG A 500 7.73 -8.53 -11.80
N ASP A 501 7.64 -7.86 -12.94
CA ASP A 501 6.76 -8.31 -14.02
C ASP A 501 7.23 -9.66 -14.58
N TRP A 502 8.54 -9.78 -14.80
CA TRP A 502 9.14 -11.02 -15.32
C TRP A 502 8.92 -12.19 -14.36
N LEU A 503 9.13 -11.94 -13.08
CA LEU A 503 8.91 -12.95 -12.06
C LEU A 503 7.46 -13.42 -12.04
N VAL A 504 6.51 -12.49 -12.05
CA VAL A 504 5.10 -12.88 -12.06
C VAL A 504 4.77 -13.65 -13.34
N LYS A 505 5.35 -13.26 -14.48
CA LYS A 505 5.08 -13.97 -15.72
C LYS A 505 5.62 -15.40 -15.67
N GLN A 506 6.67 -15.61 -14.89
CA GLN A 506 7.25 -16.95 -14.71
C GLN A 506 6.47 -17.79 -13.70
N ARG A 507 5.44 -17.21 -13.11
CA ARG A 507 4.72 -17.80 -11.96
C ARG A 507 5.65 -17.90 -10.75
N GLY A 508 6.48 -16.89 -10.60
CA GLY A 508 7.36 -16.79 -9.46
C GLY A 508 8.33 -17.96 -9.39
N TRP A 509 8.54 -18.47 -8.18
CA TRP A 509 9.60 -19.44 -7.96
C TRP A 509 9.23 -20.82 -8.48
N ASP A 510 7.94 -21.07 -8.66
CA ASP A 510 7.48 -22.28 -9.35
C ASP A 510 8.09 -22.39 -10.73
N GLY A 511 8.17 -21.26 -11.44
CA GLY A 511 8.86 -21.22 -12.73
C GLY A 511 10.33 -21.61 -12.61
N PHE A 512 10.98 -21.12 -11.55
CA PHE A 512 12.39 -21.41 -11.27
C PHE A 512 12.60 -22.92 -11.10
N VAL A 513 11.75 -23.53 -10.29
CA VAL A 513 11.78 -24.98 -10.08
C VAL A 513 11.59 -25.76 -11.38
N GLU A 514 10.61 -25.36 -12.16
CA GLU A 514 10.33 -26.04 -13.41
C GLU A 514 11.48 -25.88 -14.41
N PHE A 515 12.01 -24.66 -14.52
CA PHE A 515 13.11 -24.40 -15.46
C PHE A 515 14.34 -25.29 -15.21
N PHE A 516 14.72 -25.49 -13.94
CA PHE A 516 15.90 -26.32 -13.67
C PHE A 516 15.56 -27.77 -13.26
N HIS A 517 14.39 -28.25 -13.66
CA HIS A 517 13.96 -29.59 -13.30
C HIS A 517 14.91 -30.65 -13.87
N VAL A 518 15.08 -31.73 -13.13
CA VAL A 518 15.92 -32.84 -13.57
C VAL A 518 15.12 -34.12 -13.78
C1 GLC B . -7.94 7.88 -1.38
C2 GLC B . -7.45 7.26 -0.06
C3 GLC B . -6.29 6.30 -0.26
C4 GLC B . -6.59 5.29 -1.36
C5 GLC B . -6.92 6.06 -2.63
C6 GLC B . -7.31 5.07 -3.72
O1 GLC B . -7.08 8.92 -1.78
O2 GLC B . -7.06 8.28 0.84
O3 GLC B . -6.05 5.58 0.93
O4 GLC B . -5.45 4.47 -1.55
O5 GLC B . -8.03 6.92 -2.41
O6 GLC B . -7.37 5.72 -4.96
C1 GLC B . -5.42 3.15 -1.02
C2 GLC B . -4.06 2.91 -0.39
C3 GLC B . -2.96 3.01 -1.45
C4 GLC B . -3.29 2.04 -2.59
C5 GLC B . -4.69 2.33 -3.12
C6 GLC B . -4.97 1.28 -4.19
O2 GLC B . -3.81 3.92 0.55
O3 GLC B . -1.67 2.78 -0.90
O4 GLC B . -2.40 2.17 -3.68
O5 GLC B . -5.64 2.23 -2.07
O6 GLC B . -6.11 1.64 -4.95
C10 3R7 C . 26.34 -7.87 -7.86
C11 3R7 C . 26.62 -7.89 -9.21
O01 3R7 C . 28.57 -6.09 -11.69
C02 3R7 C . 27.83 -6.99 -11.23
O03 3R7 C . 27.35 -7.89 -11.98
C04 3R7 C . 27.51 -6.96 -9.74
C05 3R7 C . 28.11 -6.01 -8.93
C06 3R7 C . 27.83 -5.99 -7.57
C07 3R7 C . 26.94 -6.92 -7.03
C08 3R7 C . 26.64 -6.88 -5.53
C09 3R7 C . 25.83 -7.77 -4.98
N12 3R7 C . 26.01 -8.87 -10.09
S13 3R7 C . 26.33 -10.52 -9.77
O14 3R7 C . 25.86 -10.86 -8.44
O15 3R7 C . 25.65 -11.45 -10.67
C16 3R7 C . 28.12 -10.81 -9.78
C17 3R7 C . 28.76 -11.11 -10.96
C18 3R7 C . 30.13 -11.33 -10.94
C19 3R7 C . 30.83 -11.25 -9.74
C20 3R7 C . 30.18 -10.97 -8.56
C21 3R7 C . 28.81 -10.75 -8.57
C FMT D . 16.06 19.45 12.31
O1 FMT D . 15.32 20.39 12.64
O2 FMT D . 15.93 18.71 11.33
C FMT E . -27.95 -10.62 -12.69
O1 FMT E . -26.90 -10.52 -13.33
O2 FMT E . -28.03 -10.90 -11.50
C FMT F . -0.44 -1.56 10.79
O1 FMT F . -1.63 -1.26 10.97
O2 FMT F . -0.01 -2.71 10.71
C FMT G . 25.50 -13.32 -14.44
O1 FMT G . 24.84 -12.30 -14.64
O2 FMT G . 25.19 -14.45 -14.82
C FMT H . 9.13 -5.13 -1.95
O1 FMT H . 9.69 -4.84 -0.89
O2 FMT H . 7.91 -5.05 -2.15
C FMT I . -32.97 -2.84 0.34
O1 FMT I . -32.33 -3.85 0.02
O2 FMT I . -33.73 -2.21 -0.39
C FMT J . -12.50 1.05 13.68
O1 FMT J . -12.20 2.11 13.12
O2 FMT J . -12.42 0.87 14.89
C FMT K . 17.95 -2.49 -0.29
O1 FMT K . 17.53 -2.77 0.84
O2 FMT K . 17.76 -3.14 -1.32
C FMT L . 9.21 -4.17 -13.54
O1 FMT L . 9.20 -5.41 -13.55
O2 FMT L . 10.12 -3.51 -13.05
C FMT M . 1.14 -17.05 -11.49
O1 FMT M . 1.82 -16.03 -11.49
O2 FMT M . 0.48 -17.44 -12.47
MG MG N . -0.16 -16.32 -14.66
#